data_7LKH
#
_entry.id   7LKH
#
_cell.length_a   1.00
_cell.length_b   1.00
_cell.length_c   1.00
_cell.angle_alpha   90.00
_cell.angle_beta   90.00
_cell.angle_gamma   90.00
#
_symmetry.space_group_name_H-M   'P 1'
#
loop_
_entity.id
_entity.type
_entity.pdbx_description
1 polymer 'Sterol regulatory element-binding protein cleavage-activating protein'
2 polymer '4G10 Fab heavy chain'
3 polymer '4G10 Fab kappa chain'
4 branched 2-acetamido-2-deoxy-beta-D-glucopyranose-(1-4)-2-acetamido-2-deoxy-beta-D-glucopyranose
#
loop_
_entity_poly.entity_id
_entity_poly.type
_entity_poly.pdbx_seq_one_letter_code
_entity_poly.pdbx_strand_id
1 'polypeptide(L)'
;PAMTLTEKLRERISRAFYNHGLLCASYPIPIILFTGLCILACCYPLLKLPLPGTGPVEFSTPVKDYFPPSPDVVSQQGDL
SERPDWYVGAPVAYIQQIFVKATVSPWQKNFLAVDVFRSPLSRVFQLVEEIRNHALRDSSGVKSLEEVCLQVTDLLPGLK
KLRNLLPEHGCLLLSPGNFWQNDRERFNADPDIIKTIHQHEPKALQTSATLKDLLFGLPGKYSGVNLYNRKRVVSYTVTL
GLQRYDSRFLSSLRSRLKLLHPSPNCTLREDSIVHVHFKEEIGIAELIPLVTTYIILFAYIYFSTRKIDMVKSKWGLALA
AVVTVLSSLLMSVGLCTLFGLTPTLNGGEIFPYLVVVIGLENVLVLTKSVVSTPVDLEVKLRIAQGLSNESWSIMKNMAT
ELGIILIGYFTLVPAIQEFCLFAVVGLVSVFFLQMLFFTTVLSIDIRRMELADLNKRLPAEACLPPAKPASRSQRYERQP
AVRPATPHTITLQPSSFRNLRLPKRLRVIYFFARTRLAQRLIMAGTVIWIGILVYTDPAGLRTYLTSQVTEQSPLGEAGL
PPMPVPGGVLPAGDPKIDLSVFPSDPIQLSENQTQQREQQAGLEPLGRLETNQHSWAQGPEGRGNGQTELGTEAEVTWGA
EDEEIWRKLSFRHWPSLFSYYNITLAKRYISILPAIPVTLYLNPQEALEVRHPQEANRYHPFLSSSGGKLNAEAQPDQTS
SRLQGHRDVTLYKVAALGLASGILLVLLLFCLYRLLCPKNYGQNGLSHSRRRRGDLPCDDYGYSPPETEIVPLVLRGHLM
DIECLASDGMLLVSCCLVGQIRVWDAQTGDCLTVIPKPRLRRDSSGIFDYQESWDHSPDGKTGLDDSFESSHQLKRMLSP
PQPPLFCDQPDLTSLIDTNFSEQVKVAESEPRLRAVGGRQKEAGYDFSSLVGKVYEEHSTSNCMNFGGLSAPHGQAGFCV
GGSTARSLGCGSEEGGCGGRRRSLGDESLSGFDKSSPLPSWGGDFESSVWSLDLQGNLIVAGRSNGKLEVWDAIEGTLRS
SNDESQSGITALVFLNNRIVAARLNGSLDFFSLETHTSLNHLQFRGAPSRSSIPSSPLFSSSDVIVCQLTHTVSCAHQKP
ITALKAAAGRLVTGSQDHTLRVFRLEDSCCLFTLQGHSGAITAVYIDQTMVLASGGQDGAICLWDVLTGSKVSHMYAHRG
DVTSLTCTTSCVISSGLDDVISIWDRSSGIKLYSIQQEMGCGSSLGVISDNLLVTGGQGCVSFWDIGYGDLLQTVYLGKS
NESQPARQILVLENAAIVCNFGSELSLVYVPSVLEKLDDYKDDDDKGSDYKDDDDKGSDYKDDDDK
;
A
2 'polypeptide(L)'
;TGVHSEVQLQQSGAELVRPGASVKLSCTASGFKIKDDYIHWVKQRPEQGLEWIGRIDPANGHTRYAPKFQDKATITADTS
SNTAYLQLSSLTSEDTAVYYCTRYNDYDAFYFDYWGQGTTLTVSSASTKGPSVFPLAPSSKSTSGGTAALGCLVKDYFPE
PVTVSWNSGALTSGVHTFPAVLQSSGLYSLSSVVTVPSSSLGTQTYICNVNHKPSNTKVDKRVEPKSCDKT
;
H
3 'polypeptide(L)'
;DIQMTQTTSSLSASLGDRVTISCRASQDIRNYLNWYQQKPDGTVKLLIYYTSRLHSGVPSRFSGSGSGTDYSLTISNLEQ
EDIATYFCQQTNTLPWTFGGGTKVEIKRTVAAPSVFIFPPSDEQLKSGTASVVCLLNNFYPREAKVQWKVDNALQSGNSQ
ESVTEQDSKDSTYSLSSTLTLSKADYEKHKVYACEVTHQGLSSPVTKSFNRGEC
;
L
#
loop_
_chem_comp.id
_chem_comp.type
_chem_comp.name
_chem_comp.formula
NAG D-saccharide, beta linking 2-acetamido-2-deoxy-beta-D-glucopyranose 'C8 H15 N O6'
#
# COMPACT_ATOMS: atom_id res chain seq x y z
N GLY A 55 -17.89 23.97 3.06
CA GLY A 55 -18.59 22.71 3.44
C GLY A 55 -17.61 21.61 3.81
N PRO A 56 -18.09 20.63 4.57
CA PRO A 56 -17.22 19.53 5.00
C PRO A 56 -16.75 18.70 3.83
N VAL A 57 -15.57 18.07 3.98
CA VAL A 57 -14.90 17.29 2.88
C VAL A 57 -15.75 16.09 2.49
N GLU A 58 -15.82 15.78 1.19
CA GLU A 58 -16.62 14.64 0.68
C GLU A 58 -15.69 13.44 0.49
N PHE A 59 -15.75 12.44 1.37
CA PHE A 59 -14.98 11.17 1.21
C PHE A 59 -15.98 10.23 0.55
N SER A 60 -15.95 10.08 -0.78
CA SER A 60 -16.96 9.29 -1.52
C SER A 60 -16.92 7.80 -1.16
N THR A 61 -15.74 7.18 -1.18
CA THR A 61 -15.60 5.71 -0.94
C THR A 61 -15.88 5.34 0.53
N PRO A 62 -15.35 6.05 1.55
CA PRO A 62 -15.66 5.75 2.96
C PRO A 62 -16.83 6.58 3.48
N VAL A 63 -17.93 5.94 3.90
CA VAL A 63 -19.16 6.62 4.41
C VAL A 63 -18.80 7.30 5.73
N LYS A 64 -19.47 8.39 6.08
CA LYS A 64 -19.19 9.14 7.33
C LYS A 64 -19.93 8.49 8.49
N ASP A 65 -19.55 8.77 9.75
CA ASP A 65 -20.18 8.24 10.94
C ASP A 65 -19.93 9.21 12.10
N TYR A 66 -20.92 9.33 12.98
CA TYR A 66 -20.89 10.38 14.00
C TYR A 66 -21.08 9.76 15.39
N PHE A 67 -20.32 10.23 16.39
CA PHE A 67 -20.48 9.59 17.70
C PHE A 67 -21.36 10.35 18.67
N PRO A 68 -21.08 11.62 19.01
CA PRO A 68 -22.08 12.43 19.71
C PRO A 68 -23.18 12.85 18.75
N PRO A 69 -24.11 13.70 19.17
CA PRO A 69 -25.28 13.96 18.31
C PRO A 69 -24.94 14.85 17.13
N SER A 70 -25.35 14.47 15.91
CA SER A 70 -25.36 15.36 14.75
C SER A 70 -26.20 14.77 13.62
N PRO A 71 -27.52 14.91 13.67
CA PRO A 71 -28.34 14.41 12.57
C PRO A 71 -27.79 14.95 11.24
N ASP A 72 -28.00 14.18 10.18
CA ASP A 72 -27.58 14.56 8.84
C ASP A 72 -28.79 14.55 7.93
N VAL A 73 -29.39 15.72 7.72
CA VAL A 73 -30.54 15.79 6.84
C VAL A 73 -30.12 15.72 5.38
N VAL A 74 -28.93 16.21 5.07
CA VAL A 74 -28.43 16.22 3.70
C VAL A 74 -29.41 16.97 2.80
N ARG A 83 -25.65 17.49 9.29
CA ARG A 83 -24.61 18.50 9.13
C ARG A 83 -24.92 19.81 9.86
N PRO A 84 -26.19 20.13 10.12
CA PRO A 84 -26.46 21.37 10.87
C PRO A 84 -25.84 21.40 12.26
N ASP A 85 -25.55 20.24 12.85
CA ASP A 85 -25.20 20.17 14.27
C ASP A 85 -23.72 19.81 14.40
N TRP A 86 -22.87 20.84 14.49
CA TRP A 86 -21.43 20.87 14.73
C TRP A 86 -20.60 20.25 13.63
N TYR A 87 -21.19 19.62 12.62
CA TYR A 87 -20.43 19.04 11.51
C TYR A 87 -20.43 20.00 10.33
N VAL A 88 -19.56 21.00 10.39
CA VAL A 88 -19.52 22.07 9.41
C VAL A 88 -18.17 22.15 8.72
N GLY A 89 -17.11 22.48 9.46
CA GLY A 89 -15.83 22.74 8.85
C GLY A 89 -15.00 21.50 8.62
N ALA A 90 -13.76 21.73 8.21
CA ALA A 90 -12.77 20.68 8.08
C ALA A 90 -12.27 20.24 9.45
N PRO A 91 -11.88 18.99 9.60
CA PRO A 91 -11.41 18.53 10.91
C PRO A 91 -10.10 19.18 11.29
N VAL A 92 -9.84 19.22 12.61
CA VAL A 92 -8.57 19.75 13.09
C VAL A 92 -7.43 18.93 12.50
N ALA A 93 -7.61 17.63 12.41
CA ALA A 93 -6.64 16.74 11.82
C ALA A 93 -7.29 15.38 11.63
N TYR A 94 -6.77 14.62 10.69
CA TYR A 94 -7.15 13.22 10.53
C TYR A 94 -6.13 12.37 11.27
N ILE A 95 -6.59 11.30 11.89
CA ILE A 95 -5.72 10.41 12.66
C ILE A 95 -5.63 9.10 11.92
N GLN A 96 -4.41 8.68 11.62
CA GLN A 96 -4.16 7.41 10.94
C GLN A 96 -3.28 6.54 11.83
N GLN A 97 -3.80 5.37 12.18
CA GLN A 97 -3.11 4.44 13.05
C GLN A 97 -2.59 3.30 12.21
N ILE A 98 -1.30 3.01 12.36
CA ILE A 98 -0.71 1.78 11.83
C ILE A 98 -0.56 0.88 13.04
N PHE A 99 -1.39 -0.16 13.09
CA PHE A 99 -1.54 -0.98 14.27
C PHE A 99 -0.73 -2.25 14.08
N VAL A 100 0.30 -2.43 14.91
CA VAL A 100 1.31 -3.46 14.72
C VAL A 100 1.14 -4.54 15.77
N LYS A 101 1.03 -5.78 15.32
CA LYS A 101 1.09 -6.95 16.19
C LYS A 101 2.34 -7.74 15.83
N ALA A 102 3.10 -8.16 16.84
CA ALA A 102 4.39 -8.77 16.56
C ALA A 102 4.61 -9.94 17.51
N THR A 103 5.40 -10.90 17.05
CA THR A 103 5.66 -12.09 17.85
C THR A 103 6.96 -12.74 17.39
N VAL A 104 7.68 -13.33 18.34
CA VAL A 104 8.83 -14.17 18.05
C VAL A 104 8.33 -15.59 17.81
N SER A 105 7.97 -15.90 16.56
CA SER A 105 7.12 -17.06 16.31
C SER A 105 7.80 -18.36 16.72
N PRO A 106 9.05 -18.65 16.31
CA PRO A 106 9.70 -19.87 16.81
C PRO A 106 10.23 -19.66 18.23
N TRP A 107 9.55 -20.25 19.20
CA TRP A 107 9.93 -20.04 20.60
C TRP A 107 10.84 -21.17 21.08
N GLN A 108 11.61 -20.87 22.13
CA GLN A 108 12.60 -21.78 22.66
C GLN A 108 12.56 -21.73 24.18
N LYS A 109 13.11 -22.77 24.80
CA LYS A 109 13.51 -22.65 26.20
C LYS A 109 14.72 -21.72 26.32
N ASN A 110 14.95 -21.25 27.54
CA ASN A 110 16.07 -20.35 27.82
C ASN A 110 15.82 -18.92 27.38
N PHE A 111 14.69 -18.62 26.76
CA PHE A 111 14.36 -17.23 26.49
C PHE A 111 13.80 -16.58 27.75
N LEU A 112 14.27 -15.36 28.02
CA LEU A 112 13.83 -14.59 29.17
C LEU A 112 12.61 -13.75 28.81
N ALA A 113 11.87 -13.33 29.83
CA ALA A 113 10.66 -12.55 29.58
C ALA A 113 10.96 -11.33 28.72
N VAL A 114 12.10 -10.66 28.94
CA VAL A 114 12.41 -9.49 28.14
C VAL A 114 12.51 -9.84 26.67
N ASP A 115 13.08 -10.99 26.34
CA ASP A 115 13.19 -11.40 24.95
C ASP A 115 11.83 -11.48 24.25
N VAL A 116 10.73 -11.43 25.00
CA VAL A 116 9.40 -11.44 24.38
C VAL A 116 9.18 -10.18 23.57
N PHE A 117 9.72 -9.05 24.00
CA PHE A 117 9.35 -7.77 23.41
C PHE A 117 10.52 -6.93 22.90
N ARG A 118 11.75 -7.21 23.30
CA ARG A 118 12.84 -6.36 22.85
C ARG A 118 12.99 -6.43 21.33
N SER A 119 13.06 -7.65 20.79
CA SER A 119 13.21 -7.79 19.34
C SER A 119 11.99 -7.24 18.59
N PRO A 120 10.74 -7.54 18.96
CA PRO A 120 9.61 -6.86 18.31
C PRO A 120 9.67 -5.36 18.38
N LEU A 121 10.11 -4.80 19.50
CA LEU A 121 10.19 -3.35 19.61
C LEU A 121 11.30 -2.80 18.73
N SER A 122 12.32 -3.60 18.46
CA SER A 122 13.44 -3.13 17.64
C SER A 122 13.04 -2.85 16.20
N ARG A 123 11.88 -3.35 15.75
CA ARG A 123 11.45 -3.12 14.37
C ARG A 123 10.72 -1.80 14.19
N VAL A 124 10.38 -1.11 15.27
CA VAL A 124 9.63 0.13 15.17
C VAL A 124 10.43 1.17 14.40
N PHE A 125 11.76 1.14 14.53
CA PHE A 125 12.57 2.12 13.84
C PHE A 125 12.54 1.95 12.33
N GLN A 126 12.71 0.71 11.84
CA GLN A 126 12.60 0.50 10.39
C GLN A 126 11.19 0.79 9.91
N LEU A 127 10.17 0.41 10.69
CA LEU A 127 8.80 0.68 10.29
C LEU A 127 8.53 2.18 10.20
N VAL A 128 9.05 2.96 11.14
CA VAL A 128 8.83 4.40 11.10
C VAL A 128 9.53 5.00 9.89
N GLU A 129 10.74 4.55 9.58
CA GLU A 129 11.44 5.03 8.39
C GLU A 129 10.66 4.71 7.11
N GLU A 130 10.08 3.52 7.03
CA GLU A 130 9.31 3.14 5.85
C GLU A 130 8.13 4.08 5.65
N ILE A 131 7.40 4.38 6.73
CA ILE A 131 6.27 5.28 6.59
C ILE A 131 6.72 6.68 6.18
N ARG A 132 7.79 7.19 6.79
CA ARG A 132 8.18 8.57 6.51
C ARG A 132 8.80 8.70 5.13
N ASN A 133 9.47 7.67 4.63
CA ASN A 133 10.09 7.72 3.32
C ASN A 133 9.21 7.15 2.22
N HIS A 134 8.00 6.72 2.56
CA HIS A 134 7.12 6.15 1.55
C HIS A 134 6.77 7.20 0.52
N ALA A 135 6.89 6.84 -0.75
CA ALA A 135 6.49 7.76 -1.83
C ALA A 135 5.55 7.02 -2.76
N LEU A 136 4.47 7.67 -3.15
CA LEU A 136 3.51 7.08 -4.07
C LEU A 136 4.00 7.25 -5.50
N ARG A 137 4.66 6.22 -6.02
CA ARG A 137 5.03 6.23 -7.42
C ARG A 137 3.75 6.34 -8.26
N ASP A 138 3.82 7.13 -9.34
CA ASP A 138 2.65 7.40 -10.16
C ASP A 138 1.53 8.05 -9.36
N SER A 139 1.83 9.26 -8.88
CA SER A 139 0.90 10.05 -8.08
C SER A 139 0.29 11.11 -8.98
N SER A 140 -1.00 11.40 -8.77
CA SER A 140 -1.67 12.49 -9.49
C SER A 140 -2.02 13.70 -8.63
N GLY A 141 -1.19 14.04 -7.64
CA GLY A 141 -1.56 15.07 -6.70
C GLY A 141 -0.75 15.15 -5.42
N VAL A 142 -0.36 14.01 -4.85
CA VAL A 142 0.48 13.99 -3.65
C VAL A 142 1.34 12.73 -3.72
N LYS A 143 2.63 12.88 -3.46
CA LYS A 143 3.57 11.79 -3.56
C LYS A 143 4.11 11.31 -2.21
N SER A 144 4.57 12.20 -1.34
CA SER A 144 5.20 11.75 -0.11
C SER A 144 4.39 12.25 1.08
N LEU A 145 4.79 11.77 2.25
CA LEU A 145 4.13 12.12 3.51
C LEU A 145 4.30 13.57 3.88
N GLU A 146 5.48 14.15 3.66
CA GLU A 146 5.71 15.54 4.03
C GLU A 146 4.70 16.49 3.40
N GLU A 147 4.14 16.16 2.24
CA GLU A 147 3.18 17.00 1.56
C GLU A 147 1.79 16.93 2.18
N VAL A 148 1.56 16.00 3.11
CA VAL A 148 0.21 15.72 3.61
C VAL A 148 0.13 15.75 5.12
N CYS A 149 1.26 15.70 5.83
CA CYS A 149 1.17 15.48 7.26
C CYS A 149 1.05 16.82 7.99
N LEU A 150 0.65 16.72 9.26
CA LEU A 150 0.39 17.89 10.07
C LEU A 150 1.72 18.46 10.54
N GLN A 151 1.89 19.76 10.42
CA GLN A 151 3.18 20.33 10.77
C GLN A 151 3.08 20.92 12.17
N VAL A 152 4.02 20.54 13.03
CA VAL A 152 4.11 21.07 14.37
C VAL A 152 5.47 21.75 14.46
N THR A 153 5.55 22.82 15.24
CA THR A 153 6.78 23.60 15.31
C THR A 153 7.47 23.52 16.65
N ASP A 154 6.78 23.88 17.73
CA ASP A 154 7.40 23.94 19.04
C ASP A 154 6.37 23.50 20.07
N LEU A 155 6.84 22.71 21.04
CA LEU A 155 6.03 22.41 22.22
C LEU A 155 5.80 23.72 22.96
N LEU A 156 4.97 23.67 24.00
CA LEU A 156 4.72 24.88 24.77
C LEU A 156 6.05 25.34 25.37
N PRO A 157 6.20 26.63 25.68
CA PRO A 157 7.49 27.07 26.21
C PRO A 157 7.83 26.50 27.57
N GLY A 158 6.89 26.48 28.50
CA GLY A 158 6.91 25.53 29.58
C GLY A 158 6.57 24.13 29.09
N LEU A 159 6.89 23.14 29.93
CA LEU A 159 6.69 21.74 29.57
C LEU A 159 7.66 21.32 28.47
N LYS A 160 8.86 21.86 28.51
CA LYS A 160 9.95 21.40 27.64
C LYS A 160 10.66 20.17 28.20
N LYS A 161 10.27 19.71 29.39
CA LYS A 161 10.85 18.48 29.94
C LYS A 161 10.61 17.28 29.01
N LEU A 162 9.62 17.38 28.14
CA LEU A 162 9.31 16.32 27.18
C LEU A 162 10.04 16.50 25.87
N ARG A 163 11.03 17.39 25.81
CA ARG A 163 11.97 17.39 24.70
C ARG A 163 12.56 15.99 24.52
N ASN A 164 12.97 15.70 23.30
CA ASN A 164 13.46 14.39 22.88
C ASN A 164 12.60 13.24 23.40
N LEU A 165 11.31 13.45 23.60
CA LEU A 165 10.33 12.39 23.82
C LEU A 165 9.07 12.59 22.98
N LEU A 166 8.84 13.79 22.47
CA LEU A 166 7.78 14.09 21.54
C LEU A 166 8.39 14.82 20.35
N PRO A 167 7.81 14.66 19.16
CA PRO A 167 8.40 15.28 17.97
C PRO A 167 8.26 16.79 17.98
N GLU A 168 9.39 17.48 17.93
CA GLU A 168 9.40 18.94 17.90
C GLU A 168 9.17 19.48 16.50
N HIS A 169 10.07 19.18 15.56
CA HIS A 169 10.02 19.78 14.24
C HIS A 169 9.61 18.76 13.19
N GLY A 170 8.60 19.12 12.40
CA GLY A 170 8.16 18.29 11.30
C GLY A 170 6.83 17.61 11.53
N CYS A 171 6.70 16.42 10.96
CA CYS A 171 5.44 15.69 10.96
C CYS A 171 5.12 15.19 12.36
N LEU A 172 3.85 15.27 12.71
CA LEU A 172 3.40 14.73 13.98
C LEU A 172 3.25 13.23 13.77
N LEU A 173 4.20 12.50 14.33
CA LEU A 173 4.29 11.05 14.18
C LEU A 173 4.77 10.50 15.51
N LEU A 174 3.96 9.65 16.12
CA LEU A 174 4.29 9.09 17.43
C LEU A 174 4.46 7.60 17.31
N SER A 175 5.40 7.04 18.06
CA SER A 175 5.63 5.61 18.08
C SER A 175 6.55 5.30 19.24
N PRO A 176 6.67 4.04 19.63
CA PRO A 176 7.57 3.70 20.74
C PRO A 176 9.00 4.16 20.52
N GLY A 177 9.45 4.24 19.28
CA GLY A 177 10.81 4.68 19.03
C GLY A 177 11.11 6.07 19.55
N ASN A 178 10.09 6.90 19.79
CA ASN A 178 10.34 8.22 20.33
C ASN A 178 10.99 8.16 21.70
N PHE A 179 10.78 7.07 22.44
CA PHE A 179 11.45 6.94 23.73
C PHE A 179 12.95 6.96 23.59
N TRP A 180 13.49 6.65 22.41
CA TRP A 180 14.93 6.64 22.17
C TRP A 180 15.30 7.60 21.05
N GLN A 181 14.51 8.63 20.85
CA GLN A 181 14.78 9.66 19.86
C GLN A 181 14.89 9.05 18.46
N ASN A 182 14.16 7.96 18.21
CA ASN A 182 14.24 7.26 16.94
C ASN A 182 15.68 6.88 16.60
N ASP A 183 16.43 6.41 17.59
CA ASP A 183 17.84 6.08 17.44
C ASP A 183 18.01 4.61 17.81
N ARG A 184 18.30 3.79 16.80
CA ARG A 184 18.47 2.36 17.03
C ARG A 184 19.66 2.10 17.95
N GLU A 185 20.74 2.87 17.80
CA GLU A 185 21.88 2.69 18.69
C GLU A 185 21.52 2.98 20.14
N ARG A 186 20.77 4.06 20.39
CA ARG A 186 20.35 4.34 21.75
C ARG A 186 19.43 3.24 22.29
N PHE A 187 18.59 2.68 21.43
CA PHE A 187 17.76 1.55 21.87
C PHE A 187 18.63 0.35 22.22
N ASN A 188 19.68 0.10 21.45
CA ASN A 188 20.55 -1.05 21.70
C ASN A 188 21.34 -0.87 22.99
N ALA A 189 21.72 0.38 23.31
CA ALA A 189 22.47 0.62 24.54
C ALA A 189 21.58 0.75 25.77
N ASP A 190 20.33 0.26 25.71
CA ASP A 190 19.43 0.38 26.85
C ASP A 190 19.26 -0.98 27.51
N PRO A 191 19.69 -1.16 28.76
CA PRO A 191 19.55 -2.48 29.39
C PRO A 191 18.20 -2.78 30.00
N ASP A 192 17.34 -1.77 30.21
CA ASP A 192 16.04 -2.01 30.85
C ASP A 192 15.00 -1.18 30.11
N ILE A 193 14.33 -1.81 29.15
CA ILE A 193 13.35 -1.11 28.32
C ILE A 193 12.18 -0.62 29.17
N ILE A 194 11.75 -1.42 30.14
CA ILE A 194 10.63 -1.04 30.98
C ILE A 194 10.92 0.24 31.77
N LYS A 195 12.11 0.37 32.36
CA LYS A 195 12.43 1.58 33.10
C LYS A 195 12.37 2.79 32.18
N THR A 196 12.94 2.66 30.98
CA THR A 196 12.92 3.78 30.04
C THR A 196 11.50 4.14 29.67
N ILE A 197 10.64 3.14 29.48
CA ILE A 197 9.27 3.41 29.08
C ILE A 197 8.52 4.12 30.19
N HIS A 198 8.71 3.69 31.43
CA HIS A 198 7.95 4.26 32.54
C HIS A 198 8.62 5.44 33.21
N GLN A 199 9.75 5.95 32.68
CA GLN A 199 10.45 6.99 33.42
C GLN A 199 9.61 8.25 33.60
N HIS A 200 8.58 8.47 32.77
CA HIS A 200 7.86 9.73 32.86
C HIS A 200 6.37 9.55 33.16
N GLU A 201 5.93 8.38 33.60
CA GLU A 201 4.52 8.27 33.93
C GLU A 201 4.24 8.88 35.30
N PRO A 202 3.05 9.42 35.53
CA PRO A 202 2.77 10.01 36.84
C PRO A 202 2.55 8.94 37.88
N LYS A 203 2.21 9.33 39.10
CA LYS A 203 1.74 8.39 40.12
C LYS A 203 0.22 8.34 40.17
N ALA A 204 -0.44 8.52 39.03
CA ALA A 204 -1.91 8.55 38.90
C ALA A 204 -2.52 9.84 39.41
N LEU A 205 -1.73 10.90 39.57
CA LEU A 205 -2.21 12.17 40.08
C LEU A 205 -2.53 13.17 38.98
N GLN A 206 -2.39 12.80 37.71
CA GLN A 206 -2.65 13.68 36.58
C GLN A 206 -3.73 13.05 35.70
N THR A 207 -4.78 13.83 35.42
CA THR A 207 -5.96 13.24 34.80
C THR A 207 -5.78 13.03 33.30
N SER A 208 -4.97 13.87 32.65
CA SER A 208 -4.73 13.72 31.23
C SER A 208 -4.07 12.37 30.90
N ALA A 209 -3.99 12.09 29.61
CA ALA A 209 -3.38 10.88 29.08
C ALA A 209 -1.91 10.83 29.43
N THR A 210 -1.38 9.65 29.73
CA THR A 210 0.01 9.49 30.10
C THR A 210 0.87 9.42 28.84
N LEU A 211 2.16 9.69 29.01
CA LEU A 211 3.09 9.66 27.89
C LEU A 211 3.16 8.27 27.27
N LYS A 212 3.12 7.23 28.10
CA LYS A 212 3.14 5.88 27.55
C LYS A 212 1.94 5.64 26.64
N ASP A 213 0.74 6.05 27.07
CA ASP A 213 -0.43 5.89 26.20
C ASP A 213 -0.27 6.71 24.93
N LEU A 214 0.24 7.94 25.06
CA LEU A 214 0.38 8.78 23.87
C LEU A 214 1.32 8.15 22.86
N LEU A 215 2.45 7.61 23.31
CA LEU A 215 3.41 7.09 22.34
C LEU A 215 3.03 5.70 21.84
N PHE A 216 2.37 4.88 22.65
CA PHE A 216 2.03 3.53 22.22
C PHE A 216 0.73 3.47 21.44
N GLY A 217 -0.20 4.39 21.66
CA GLY A 217 -1.46 4.35 20.93
C GLY A 217 -2.45 3.33 21.44
N LEU A 218 -2.13 2.62 22.51
CA LEU A 218 -3.01 1.60 23.05
C LEU A 218 -3.22 1.84 24.53
N PRO A 219 -4.29 1.27 25.10
CA PRO A 219 -4.57 1.53 26.52
C PRO A 219 -3.40 1.20 27.44
N GLY A 220 -2.66 0.13 27.17
CA GLY A 220 -1.50 -0.25 27.96
C GLY A 220 -1.52 -1.69 28.42
N LYS A 221 -2.69 -2.21 28.80
CA LYS A 221 -2.78 -3.64 29.11
C LYS A 221 -2.91 -4.49 27.86
N TYR A 222 -3.34 -3.89 26.75
CA TYR A 222 -3.36 -4.60 25.48
C TYR A 222 -1.96 -4.67 24.87
N SER A 223 -1.05 -3.79 25.28
CA SER A 223 0.25 -3.72 24.64
C SER A 223 1.02 -5.01 24.80
N GLY A 224 0.98 -5.62 25.99
CA GLY A 224 1.74 -6.83 26.23
C GLY A 224 3.19 -6.62 26.56
N VAL A 225 3.61 -5.37 26.78
CA VAL A 225 5.00 -5.11 27.15
C VAL A 225 5.13 -5.17 28.66
N ASN A 226 5.33 -6.38 29.20
CA ASN A 226 5.46 -6.61 30.64
C ASN A 226 6.15 -7.94 30.84
N LEU A 227 6.64 -8.19 32.06
CA LEU A 227 7.36 -9.42 32.34
C LEU A 227 6.43 -10.58 32.65
N TYR A 228 5.11 -10.35 32.71
CA TYR A 228 4.15 -11.38 33.04
C TYR A 228 3.23 -11.65 31.85
N ASN A 229 3.75 -11.40 30.66
CA ASN A 229 3.01 -11.57 29.42
C ASN A 229 2.96 -13.05 29.09
N ARG A 230 1.76 -13.64 29.12
CA ARG A 230 1.67 -15.08 28.90
C ARG A 230 1.55 -15.34 27.40
N LYS A 231 0.87 -14.45 26.70
CA LYS A 231 0.79 -14.55 25.26
C LYS A 231 2.08 -13.96 24.70
N ARG A 232 2.62 -14.55 23.65
CA ARG A 232 3.81 -13.99 23.03
C ARG A 232 3.48 -13.07 21.87
N VAL A 233 2.38 -12.30 21.96
CA VAL A 233 2.07 -11.31 20.94
C VAL A 233 1.98 -9.92 21.57
N VAL A 234 2.79 -9.00 21.07
CA VAL A 234 2.90 -7.66 21.61
C VAL A 234 2.35 -6.71 20.56
N SER A 235 1.49 -5.79 21.00
CA SER A 235 0.87 -4.84 20.10
C SER A 235 1.28 -3.42 20.44
N TYR A 236 1.52 -2.62 19.41
CA TYR A 236 1.65 -1.18 19.58
C TYR A 236 1.13 -0.50 18.33
N THR A 237 1.39 0.79 18.22
CA THR A 237 0.81 1.59 17.15
C THR A 237 1.70 2.76 16.79
N VAL A 238 1.70 3.11 15.51
CA VAL A 238 2.31 4.33 15.03
C VAL A 238 1.18 5.27 14.65
N THR A 239 1.24 6.49 15.17
CA THR A 239 0.15 7.45 15.02
C THR A 239 0.61 8.59 14.10
N LEU A 240 -0.20 8.86 13.08
CA LEU A 240 0.05 9.90 12.11
C LEU A 240 -1.07 10.94 12.20
N GLY A 241 -0.69 12.21 12.28
CA GLY A 241 -1.65 13.30 12.18
C GLY A 241 -1.53 13.98 10.84
N LEU A 242 -2.64 14.05 10.12
CA LEU A 242 -2.67 14.55 8.75
C LEU A 242 -3.53 15.81 8.67
N GLN A 243 -3.00 16.83 8.02
CA GLN A 243 -3.77 18.04 7.79
C GLN A 243 -4.77 17.87 6.66
N ARG A 244 -4.46 17.02 5.68
CA ARG A 244 -5.31 16.81 4.52
C ARG A 244 -5.64 15.34 4.36
N TYR A 245 -6.72 15.07 3.64
CA TYR A 245 -7.12 13.72 3.32
C TYR A 245 -6.90 13.48 1.83
N ASP A 246 -6.16 12.43 1.51
CA ASP A 246 -5.93 12.04 0.13
C ASP A 246 -6.16 10.53 0.05
N SER A 247 -7.24 10.15 -0.60
CA SER A 247 -7.57 8.73 -0.71
C SER A 247 -6.49 7.96 -1.43
N ARG A 248 -5.96 8.51 -2.51
CA ARG A 248 -4.95 7.82 -3.28
C ARG A 248 -3.71 7.55 -2.44
N PHE A 249 -3.20 8.58 -1.76
CA PHE A 249 -1.99 8.39 -0.97
C PHE A 249 -2.23 7.42 0.17
N LEU A 250 -3.37 7.54 0.84
CA LEU A 250 -3.64 6.67 1.99
C LEU A 250 -3.80 5.23 1.55
N SER A 251 -4.48 5.00 0.42
CA SER A 251 -4.58 3.65 -0.11
C SER A 251 -3.21 3.12 -0.51
N SER A 252 -2.36 3.97 -1.07
CA SER A 252 -1.00 3.54 -1.39
C SER A 252 -0.24 3.11 -0.15
N LEU A 253 -0.35 3.88 0.93
CA LEU A 253 0.34 3.54 2.16
C LEU A 253 -0.18 2.23 2.73
N ARG A 254 -1.50 2.07 2.73
CA ARG A 254 -2.11 0.84 3.22
C ARG A 254 -1.68 -0.36 2.39
N SER A 255 -1.69 -0.23 1.06
CA SER A 255 -1.28 -1.32 0.20
C SER A 255 0.17 -1.68 0.42
N ARG A 256 1.04 -0.67 0.56
CA ARG A 256 2.44 -0.93 0.80
C ARG A 256 2.63 -1.71 2.09
N LEU A 257 1.96 -1.30 3.17
CA LEU A 257 2.17 -1.98 4.43
C LEU A 257 1.64 -3.42 4.39
N LYS A 258 0.52 -3.66 3.70
CA LYS A 258 0.04 -5.05 3.66
C LYS A 258 0.82 -5.91 2.67
N LEU A 259 1.48 -5.30 1.68
CA LEU A 259 2.36 -6.09 0.83
C LEU A 259 3.62 -6.47 1.60
N LEU A 260 4.19 -5.52 2.33
CA LEU A 260 5.42 -5.84 3.06
C LEU A 260 5.14 -6.82 4.20
N HIS A 261 4.06 -6.60 4.95
CA HIS A 261 3.75 -7.36 6.15
C HIS A 261 2.31 -7.85 6.10
N PRO A 262 2.02 -8.91 5.34
CA PRO A 262 0.63 -9.38 5.28
C PRO A 262 0.18 -9.84 6.65
N SER A 263 -1.08 -9.56 6.99
CA SER A 263 -1.61 -10.02 8.27
C SER A 263 -2.53 -11.24 8.17
N PRO A 264 -2.41 -12.22 9.08
CA PRO A 264 -3.13 -13.49 8.93
C PRO A 264 -4.66 -13.32 8.92
N ASN A 265 -5.29 -13.66 7.80
CA ASN A 265 -6.75 -13.48 7.65
C ASN A 265 -7.29 -12.22 8.32
N CYS A 266 -6.63 -11.08 8.11
CA CYS A 266 -7.02 -9.85 8.77
C CYS A 266 -8.41 -9.44 8.33
N THR A 267 -9.31 -9.19 9.30
CA THR A 267 -10.69 -8.83 9.00
C THR A 267 -11.07 -7.42 9.43
N LEU A 268 -10.10 -6.53 9.65
CA LEU A 268 -10.41 -5.18 10.11
C LEU A 268 -11.35 -4.49 9.13
N ARG A 269 -12.31 -3.74 9.68
CA ARG A 269 -13.18 -2.93 8.85
C ARG A 269 -12.40 -1.80 8.20
N GLU A 270 -12.82 -1.39 7.00
CA GLU A 270 -12.08 -0.40 6.24
C GLU A 270 -12.97 0.60 5.52
N ASP A 271 -14.19 0.82 5.97
CA ASP A 271 -15.15 1.59 5.20
C ASP A 271 -15.86 2.68 5.99
N SER A 272 -15.35 3.06 7.16
CA SER A 272 -16.02 4.06 7.96
C SER A 272 -15.00 5.00 8.57
N ILE A 273 -15.24 6.29 8.43
CA ILE A 273 -14.46 7.33 9.09
C ILE A 273 -15.30 7.83 10.25
N VAL A 274 -14.70 7.91 11.42
CA VAL A 274 -15.41 8.30 12.64
C VAL A 274 -15.06 9.72 12.99
N HIS A 275 -16.06 10.60 13.08
CA HIS A 275 -15.82 11.99 13.43
C HIS A 275 -16.15 12.19 14.91
N VAL A 276 -15.18 12.66 15.67
CA VAL A 276 -15.31 12.80 17.12
C VAL A 276 -15.25 14.27 17.48
N HIS A 277 -16.27 14.75 18.20
CA HIS A 277 -16.38 16.14 18.60
C HIS A 277 -16.28 16.28 20.11
N PHE A 278 -15.33 17.09 20.56
CA PHE A 278 -15.02 17.22 21.97
C PHE A 278 -15.56 18.55 22.50
N LYS A 279 -16.52 18.49 23.42
CA LYS A 279 -17.08 19.71 24.01
C LYS A 279 -16.20 20.06 25.21
N GLU A 280 -16.48 21.20 25.84
CA GLU A 280 -15.83 21.54 27.11
C GLU A 280 -14.35 21.27 27.03
N THR A 632 6.19 -25.57 22.01
CA THR A 632 4.94 -24.91 21.55
C THR A 632 5.24 -23.64 20.76
N GLU A 633 4.22 -23.08 20.12
CA GLU A 633 4.37 -21.86 19.34
C GLU A 633 3.08 -21.06 19.42
N ALA A 634 3.24 -19.74 19.52
CA ALA A 634 2.11 -18.81 19.54
C ALA A 634 1.90 -18.21 18.16
N GLU A 635 0.65 -17.81 17.92
CA GLU A 635 0.21 -17.30 16.62
C GLU A 635 -0.55 -15.99 16.85
N VAL A 636 -0.38 -15.06 15.92
CA VAL A 636 -1.07 -13.78 16.01
C VAL A 636 -2.44 -13.88 15.36
N THR A 637 -3.46 -13.51 16.12
CA THR A 637 -4.86 -13.54 15.71
C THR A 637 -5.42 -12.14 15.65
N TRP A 638 -6.38 -11.94 14.76
CA TRP A 638 -7.08 -10.67 14.61
C TRP A 638 -8.57 -10.93 14.79
N GLY A 639 -9.19 -10.18 15.69
CA GLY A 639 -10.57 -10.43 16.07
C GLY A 639 -11.33 -9.18 16.44
N ALA A 640 -12.57 -9.35 16.91
CA ALA A 640 -13.40 -8.19 17.25
C ALA A 640 -12.78 -7.37 18.37
N GLU A 641 -11.90 -7.95 19.16
CA GLU A 641 -11.26 -7.17 20.22
C GLU A 641 -10.27 -6.15 19.65
N ASP A 642 -9.84 -6.31 18.41
CA ASP A 642 -8.92 -5.38 17.78
C ASP A 642 -9.64 -4.29 16.97
N GLU A 643 -10.96 -4.38 16.83
CA GLU A 643 -11.69 -3.38 16.08
C GLU A 643 -11.81 -2.08 16.87
N GLU A 644 -11.56 -0.96 16.21
CA GLU A 644 -11.71 0.35 16.82
C GLU A 644 -11.02 0.41 18.19
N ILE A 645 -9.76 -0.02 18.22
CA ILE A 645 -9.00 -0.03 19.47
C ILE A 645 -8.91 1.34 20.10
N TRP A 646 -8.84 2.40 19.28
CA TRP A 646 -8.75 3.75 19.84
C TRP A 646 -9.92 4.04 20.77
N ARG A 647 -11.06 3.39 20.56
CA ARG A 647 -12.22 3.66 21.41
C ARG A 647 -11.95 3.31 22.86
N LYS A 648 -10.94 2.48 23.12
CA LYS A 648 -10.57 2.11 24.47
C LYS A 648 -9.43 2.93 25.03
N LEU A 649 -9.07 4.04 24.40
CA LEU A 649 -8.17 4.97 25.06
C LEU A 649 -8.96 5.88 25.98
N SER A 650 -8.25 6.65 26.79
CA SER A 650 -8.95 7.54 27.70
C SER A 650 -9.70 8.60 26.90
N PHE A 651 -10.70 9.21 27.52
CA PHE A 651 -11.41 10.30 26.89
C PHE A 651 -10.54 11.50 26.61
N ARG A 652 -9.65 11.86 27.52
CA ARG A 652 -8.82 13.04 27.36
C ARG A 652 -7.61 12.82 26.46
N HIS A 653 -7.53 11.67 25.80
CA HIS A 653 -6.34 11.31 25.04
C HIS A 653 -6.03 12.31 23.94
N TRP A 654 -7.00 12.58 23.07
CA TRP A 654 -6.71 13.41 21.90
C TRP A 654 -6.64 14.88 22.31
N PRO A 655 -7.56 15.38 23.14
CA PRO A 655 -7.38 16.76 23.60
C PRO A 655 -6.06 16.99 24.28
N SER A 656 -5.57 16.05 25.08
CA SER A 656 -4.28 16.23 25.74
C SER A 656 -3.11 16.15 24.75
N LEU A 657 -3.21 15.25 23.76
CA LEU A 657 -2.17 15.19 22.75
C LEU A 657 -2.06 16.51 22.01
N PHE A 658 -3.20 17.10 21.65
CA PHE A 658 -3.11 18.31 20.86
C PHE A 658 -2.83 19.51 21.75
N SER A 659 -3.18 19.42 23.04
CA SER A 659 -2.90 20.52 23.94
C SER A 659 -1.40 20.64 24.18
N TYR A 660 -0.67 19.54 24.11
CA TYR A 660 0.77 19.67 24.31
C TYR A 660 1.41 20.56 23.26
N TYR A 661 0.74 20.76 22.12
CA TYR A 661 1.26 21.59 21.03
C TYR A 661 0.45 22.85 20.84
N ASN A 662 -0.30 23.24 21.85
CA ASN A 662 -1.16 24.42 21.80
C ASN A 662 -2.15 24.37 20.64
N ILE A 663 -2.79 23.22 20.49
CA ILE A 663 -3.89 23.05 19.54
C ILE A 663 -5.10 22.64 20.36
N THR A 664 -6.22 23.31 20.13
CA THR A 664 -7.41 23.09 20.94
C THR A 664 -8.51 22.42 20.14
N LEU A 665 -9.14 21.42 20.73
CA LEU A 665 -10.28 20.75 20.14
C LEU A 665 -11.60 21.14 20.80
N ALA A 666 -11.69 22.34 21.36
CA ALA A 666 -12.88 22.66 22.13
C ALA A 666 -14.17 22.65 21.32
N LYS A 667 -14.35 23.54 20.34
CA LYS A 667 -15.62 23.58 19.61
C LYS A 667 -15.52 22.93 18.24
N ARG A 668 -14.40 22.25 17.97
CA ARG A 668 -14.11 21.64 16.64
C ARG A 668 -13.99 20.13 16.82
N TYR A 669 -13.77 19.38 15.74
CA TYR A 669 -13.71 17.92 15.79
C TYR A 669 -12.52 17.37 15.03
N ILE A 670 -12.25 16.08 15.24
CA ILE A 670 -11.21 15.34 14.52
C ILE A 670 -11.84 14.14 13.83
N SER A 671 -11.15 13.63 12.82
CA SER A 671 -11.62 12.52 12.01
C SER A 671 -10.64 11.36 12.11
N ILE A 672 -11.09 10.26 12.69
CA ILE A 672 -10.29 9.05 12.87
C ILE A 672 -10.58 8.10 11.73
N LEU A 673 -9.54 7.71 10.99
CA LEU A 673 -9.64 6.83 9.86
C LEU A 673 -9.45 5.38 10.30
N PRO A 674 -9.91 4.41 9.50
CA PRO A 674 -9.68 3.01 9.85
C PRO A 674 -8.21 2.67 9.95
N ALA A 675 -7.87 1.76 10.85
CA ALA A 675 -6.48 1.44 11.12
C ALA A 675 -5.92 0.53 10.04
N ILE A 676 -4.61 0.61 9.84
CA ILE A 676 -3.90 -0.24 8.89
C ILE A 676 -3.24 -1.36 9.70
N PRO A 677 -3.57 -2.62 9.46
CA PRO A 677 -2.95 -3.70 10.24
C PRO A 677 -1.57 -4.04 9.72
N VAL A 678 -0.67 -4.39 10.64
CA VAL A 678 0.67 -4.86 10.29
C VAL A 678 1.00 -6.02 11.22
N THR A 679 1.63 -7.07 10.68
CA THR A 679 1.98 -8.24 11.45
C THR A 679 3.45 -8.55 11.25
N LEU A 680 4.19 -8.70 12.33
CA LEU A 680 5.62 -8.98 12.29
C LEU A 680 5.91 -10.33 12.95
N TYR A 681 6.59 -11.18 12.22
CA TYR A 681 7.07 -12.47 12.72
C TYR A 681 8.59 -12.39 12.78
N LEU A 682 9.14 -12.62 13.96
CA LEU A 682 10.57 -12.54 14.18
C LEU A 682 11.11 -13.91 14.56
N ASN A 683 12.33 -14.20 14.15
CA ASN A 683 12.93 -15.50 14.36
C ASN A 683 13.95 -15.43 15.49
N PRO A 684 14.35 -16.58 16.03
CA PRO A 684 15.31 -16.56 17.14
C PRO A 684 16.63 -15.88 16.83
N GLN A 685 17.08 -15.85 15.58
CA GLN A 685 18.33 -15.16 15.28
C GLN A 685 18.25 -13.68 15.64
N GLU A 686 17.19 -12.99 15.21
CA GLU A 686 17.02 -11.61 15.61
C GLU A 686 16.78 -11.48 17.11
N ALA A 687 15.96 -12.35 17.69
CA ALA A 687 15.69 -12.26 19.11
C ALA A 687 16.98 -12.36 19.93
N LEU A 688 17.98 -13.10 19.43
CA LEU A 688 19.25 -13.17 20.13
C LEU A 688 20.14 -11.98 19.81
N GLU A 689 20.25 -11.60 18.54
CA GLU A 689 21.15 -10.50 18.20
C GLU A 689 20.74 -9.21 18.88
N VAL A 690 19.48 -9.09 19.28
CA VAL A 690 18.97 -7.87 19.89
C VAL A 690 19.23 -7.89 21.39
N ARG A 691 19.54 -9.07 21.93
CA ARG A 691 19.65 -9.23 23.37
C ARG A 691 20.83 -8.41 23.88
N HIS A 692 20.63 -7.69 25.03
CA HIS A 692 21.69 -6.97 25.72
C HIS A 692 22.55 -7.87 26.59
N PRO A 693 23.88 -7.83 26.42
CA PRO A 693 24.73 -8.84 27.07
C PRO A 693 24.56 -8.93 28.58
N GLN A 694 24.19 -7.85 29.27
CA GLN A 694 24.16 -7.89 30.73
C GLN A 694 22.88 -8.50 31.31
N GLU A 695 21.91 -8.85 30.46
CA GLU A 695 20.71 -9.51 30.96
C GLU A 695 20.83 -11.04 30.88
N ALA A 696 21.88 -11.54 30.22
CA ALA A 696 22.10 -12.98 30.17
C ALA A 696 22.47 -13.56 31.54
N ASN A 697 23.26 -12.83 32.34
CA ASN A 697 23.66 -13.33 33.63
C ASN A 697 23.05 -12.54 34.78
N ARG A 698 22.07 -11.67 34.48
CA ARG A 698 21.49 -10.82 35.51
C ARG A 698 20.51 -11.61 36.38
N TYR A 699 19.58 -12.33 35.78
CA TYR A 699 18.55 -13.02 36.55
C TYR A 699 19.03 -14.43 36.84
N GLU B 6 -18.38 -9.34 -14.56
CA GLU B 6 -18.86 -8.10 -13.87
C GLU B 6 -18.21 -6.86 -14.48
N VAL B 7 -16.97 -6.60 -14.10
CA VAL B 7 -16.24 -5.45 -14.62
C VAL B 7 -15.80 -5.73 -16.05
N GLN B 8 -16.21 -4.87 -16.97
CA GLN B 8 -15.87 -5.02 -18.37
C GLN B 8 -15.42 -3.67 -18.92
N LEU B 9 -14.55 -3.72 -19.92
CA LEU B 9 -14.04 -2.53 -20.59
C LEU B 9 -14.21 -2.75 -22.09
N GLN B 10 -15.37 -2.33 -22.62
CA GLN B 10 -15.69 -2.51 -24.02
C GLN B 10 -14.90 -1.51 -24.84
N GLN B 11 -14.31 -1.97 -25.93
CA GLN B 11 -13.53 -1.15 -26.83
C GLN B 11 -14.22 -1.06 -28.19
N SER B 12 -13.86 -0.02 -28.94
CA SER B 12 -14.46 0.20 -30.24
C SER B 12 -13.93 -0.82 -31.24
N GLY B 13 -14.45 -0.76 -32.46
CA GLY B 13 -14.10 -1.76 -33.45
C GLY B 13 -12.77 -1.46 -34.11
N ALA B 14 -12.36 -2.35 -35.01
CA ALA B 14 -11.09 -2.18 -35.69
C ALA B 14 -11.15 -0.90 -36.52
N GLU B 15 -10.02 -0.20 -36.60
CA GLU B 15 -9.96 1.08 -37.29
C GLU B 15 -8.92 1.04 -38.40
N LEU B 16 -9.26 1.65 -39.54
CA LEU B 16 -8.36 1.84 -40.65
C LEU B 16 -8.30 3.32 -40.99
N VAL B 17 -7.09 3.88 -41.07
CA VAL B 17 -6.89 5.31 -41.32
C VAL B 17 -5.67 5.51 -42.22
N ARG B 18 -5.60 6.70 -42.81
CA ARG B 18 -4.48 7.08 -43.66
C ARG B 18 -3.31 7.61 -42.83
N PRO B 19 -2.09 7.53 -43.36
CA PRO B 19 -0.95 8.18 -42.69
C PRO B 19 -1.14 9.68 -42.59
N GLY B 20 -0.70 10.25 -41.47
CA GLY B 20 -0.86 11.67 -41.26
C GLY B 20 -2.18 12.07 -40.68
N ALA B 21 -3.11 11.14 -40.54
CA ALA B 21 -4.43 11.40 -40.00
C ALA B 21 -4.36 11.36 -38.48
N SER B 22 -5.54 11.45 -37.86
CA SER B 22 -5.70 11.43 -36.41
C SER B 22 -6.82 10.46 -36.07
N VAL B 23 -6.61 9.65 -35.05
CA VAL B 23 -7.61 8.66 -34.64
C VAL B 23 -8.03 8.98 -33.22
N LYS B 24 -9.26 8.59 -32.87
CA LYS B 24 -9.74 8.68 -31.50
C LYS B 24 -10.36 7.33 -31.12
N LEU B 25 -9.59 6.55 -30.36
CA LEU B 25 -10.05 5.31 -29.78
C LEU B 25 -10.81 5.55 -28.48
N SER B 26 -11.80 4.69 -28.21
CA SER B 26 -12.66 4.86 -27.05
C SER B 26 -12.67 3.57 -26.23
N CYS B 27 -13.00 3.70 -24.95
CA CYS B 27 -13.01 2.59 -24.01
C CYS B 27 -14.08 2.90 -22.97
N THR B 28 -15.17 2.13 -23.00
CA THR B 28 -16.31 2.36 -22.11
C THR B 28 -16.30 1.32 -20.99
N ALA B 29 -16.34 1.79 -19.76
CA ALA B 29 -16.33 0.93 -18.59
C ALA B 29 -17.75 0.51 -18.22
N SER B 30 -17.86 -0.67 -17.63
CA SER B 30 -19.12 -1.16 -17.09
C SER B 30 -18.82 -1.97 -15.84
N GLY B 31 -19.65 -1.79 -14.82
CA GLY B 31 -19.40 -2.39 -13.52
C GLY B 31 -18.62 -1.53 -12.56
N PHE B 32 -18.10 -0.39 -12.99
CA PHE B 32 -17.43 0.53 -12.09
C PHE B 32 -17.38 1.92 -12.71
N LYS B 33 -17.10 2.91 -11.87
CA LYS B 33 -16.99 4.30 -12.28
C LYS B 33 -15.52 4.63 -12.52
N ILE B 34 -15.23 5.22 -13.69
CA ILE B 34 -13.86 5.58 -14.01
C ILE B 34 -13.28 6.58 -13.03
N LYS B 35 -14.12 7.29 -12.30
CA LYS B 35 -13.62 8.20 -11.28
C LYS B 35 -12.80 7.48 -10.22
N ASP B 36 -13.00 6.17 -10.06
CA ASP B 36 -12.41 5.47 -8.93
C ASP B 36 -11.02 4.96 -9.23
N ASP B 37 -10.58 5.03 -10.50
CA ASP B 37 -9.30 4.45 -10.88
C ASP B 37 -8.70 5.14 -12.10
N TYR B 38 -7.40 4.93 -12.27
CA TYR B 38 -6.69 5.36 -13.47
C TYR B 38 -7.08 4.51 -14.66
N ILE B 39 -6.98 5.10 -15.84
CA ILE B 39 -7.22 4.38 -17.09
C ILE B 39 -5.95 4.46 -17.91
N HIS B 40 -5.47 3.30 -18.36
CA HIS B 40 -4.19 3.17 -19.03
C HIS B 40 -4.40 2.65 -20.45
N TRP B 41 -3.49 3.04 -21.33
CA TRP B 41 -3.46 2.54 -22.70
C TRP B 41 -2.13 1.84 -22.96
N VAL B 42 -2.20 0.65 -23.56
CA VAL B 42 -1.01 -0.16 -23.82
C VAL B 42 -1.00 -0.49 -25.31
N LYS B 43 0.20 -0.68 -25.86
CA LYS B 43 0.39 -0.91 -27.29
C LYS B 43 1.14 -2.22 -27.50
N GLN B 44 0.51 -3.15 -28.23
CA GLN B 44 1.10 -4.42 -28.64
C GLN B 44 1.43 -4.45 -30.13
N ARG B 45 2.67 -4.85 -30.41
CA ARG B 45 3.13 -5.00 -31.78
C ARG B 45 3.81 -6.36 -31.89
N PRO B 46 3.35 -7.23 -32.78
CA PRO B 46 3.96 -8.56 -32.82
C PRO B 46 5.45 -8.48 -33.12
N GLU B 47 6.25 -9.33 -32.47
CA GLU B 47 7.70 -9.33 -32.61
C GLU B 47 8.40 -8.18 -31.88
N GLN B 48 7.66 -7.31 -31.20
CA GLN B 48 8.30 -6.32 -30.34
C GLN B 48 7.76 -6.28 -28.92
N GLY B 49 6.61 -6.88 -28.64
CA GLY B 49 6.13 -6.94 -27.28
C GLY B 49 5.41 -5.71 -26.75
N LEU B 50 4.53 -5.94 -25.78
CA LEU B 50 3.73 -4.90 -25.16
C LEU B 50 4.59 -3.73 -24.72
N GLU B 51 4.00 -2.53 -24.71
CA GLU B 51 4.67 -1.34 -24.22
C GLU B 51 3.64 -0.36 -23.67
N TRP B 52 4.05 0.40 -22.67
CA TRP B 52 3.16 1.29 -21.94
C TRP B 52 3.07 2.64 -22.65
N ILE B 53 1.84 3.11 -22.90
CA ILE B 53 1.67 4.41 -23.53
C ILE B 53 1.51 5.49 -22.46
N GLY B 54 0.45 5.39 -21.67
CA GLY B 54 0.19 6.41 -20.68
C GLY B 54 -1.08 6.09 -19.91
N ARG B 55 -1.43 7.03 -19.02
CA ARG B 55 -2.59 6.86 -18.17
C ARG B 55 -3.19 8.22 -17.87
N ILE B 56 -4.45 8.19 -17.41
CA ILE B 56 -5.19 9.38 -17.01
C ILE B 56 -5.93 9.10 -15.71
N ASP B 57 -5.95 10.09 -14.81
CA ASP B 57 -6.80 10.03 -13.62
C ASP B 57 -8.07 10.81 -13.87
N PRO B 58 -9.19 10.17 -14.20
CA PRO B 58 -10.37 10.93 -14.63
C PRO B 58 -10.89 11.90 -13.59
N ALA B 59 -10.64 11.66 -12.30
CA ALA B 59 -11.09 12.61 -11.28
C ALA B 59 -10.38 13.95 -11.43
N ASN B 60 -9.07 13.94 -11.69
CA ASN B 60 -8.31 15.17 -11.81
C ASN B 60 -8.11 15.61 -13.25
N GLY B 61 -8.29 14.71 -14.22
CA GLY B 61 -7.87 14.99 -15.57
C GLY B 61 -6.37 15.04 -15.74
N HIS B 62 -5.62 14.48 -14.79
CA HIS B 62 -4.17 14.52 -14.84
C HIS B 62 -3.63 13.31 -15.59
N THR B 63 -2.89 13.57 -16.65
CA THR B 63 -2.37 12.53 -17.52
C THR B 63 -0.87 12.40 -17.34
N ARG B 64 -0.36 11.21 -17.62
CA ARG B 64 1.07 10.99 -17.72
C ARG B 64 1.35 10.00 -18.84
N TYR B 65 2.53 10.12 -19.44
CA TYR B 65 2.88 9.34 -20.61
C TYR B 65 4.26 8.75 -20.42
N ALA B 66 4.54 7.67 -21.15
CA ALA B 66 5.91 7.25 -21.30
C ALA B 66 6.68 8.23 -22.18
N PRO B 67 7.98 8.38 -21.97
CA PRO B 67 8.75 9.35 -22.75
C PRO B 67 8.76 9.03 -24.24
N LYS B 68 8.48 7.79 -24.63
CA LYS B 68 8.43 7.44 -26.05
C LYS B 68 7.28 8.15 -26.76
N PHE B 69 6.15 8.35 -26.08
CA PHE B 69 4.96 8.81 -26.77
C PHE B 69 4.62 10.26 -26.45
N GLN B 70 5.56 11.02 -25.91
CA GLN B 70 5.27 12.41 -25.59
C GLN B 70 4.95 13.14 -26.88
N ASP B 71 3.89 13.95 -26.88
CA ASP B 71 3.48 14.70 -28.06
C ASP B 71 2.81 13.81 -29.10
N LYS B 72 2.52 12.55 -28.76
CA LYS B 72 1.94 11.60 -29.70
C LYS B 72 0.52 11.27 -29.26
N ALA B 73 0.37 10.90 -28.00
CA ALA B 73 -0.91 10.42 -27.49
C ALA B 73 -1.59 11.53 -26.70
N THR B 74 -2.92 11.51 -26.71
CA THR B 74 -3.68 12.43 -25.88
C THR B 74 -4.84 11.67 -25.26
N ILE B 75 -4.81 11.55 -23.94
CA ILE B 75 -5.81 10.79 -23.20
C ILE B 75 -6.80 11.76 -22.58
N THR B 76 -8.09 11.41 -22.64
CA THR B 76 -9.14 12.20 -22.05
C THR B 76 -10.16 11.26 -21.43
N ALA B 77 -11.10 11.83 -20.69
CA ALA B 77 -12.11 11.01 -20.03
C ALA B 77 -13.38 11.81 -19.80
N ASP B 78 -14.51 11.15 -20.05
CA ASP B 78 -15.83 11.69 -19.77
C ASP B 78 -16.45 10.86 -18.65
N THR B 79 -16.69 11.50 -17.50
CA THR B 79 -17.20 10.78 -16.34
C THR B 79 -18.68 10.44 -16.49
N SER B 80 -19.45 11.31 -17.12
CA SER B 80 -20.87 11.02 -17.30
C SER B 80 -21.08 9.75 -18.12
N SER B 81 -20.34 9.63 -19.22
CA SER B 81 -20.37 8.42 -20.03
C SER B 81 -19.44 7.33 -19.54
N ASN B 82 -18.63 7.57 -18.52
CA ASN B 82 -17.77 6.54 -17.94
C ASN B 82 -16.85 5.97 -19.02
N THR B 83 -16.28 6.87 -19.82
CA THR B 83 -15.54 6.45 -21.01
C THR B 83 -14.24 7.23 -21.12
N ALA B 84 -13.14 6.50 -21.32
CA ALA B 84 -11.84 7.09 -21.58
C ALA B 84 -11.55 7.04 -23.08
N TYR B 85 -10.74 7.99 -23.53
CA TYR B 85 -10.42 8.14 -24.95
C TYR B 85 -8.93 8.34 -25.11
N LEU B 86 -8.38 7.78 -26.19
CA LEU B 86 -7.00 7.98 -26.60
C LEU B 86 -6.96 8.49 -28.03
N GLN B 87 -6.29 9.62 -28.24
CA GLN B 87 -6.21 10.26 -29.54
C GLN B 87 -4.77 10.15 -30.04
N LEU B 88 -4.62 9.57 -31.22
CA LEU B 88 -3.32 9.47 -31.88
C LEU B 88 -3.23 10.48 -33.02
N SER B 89 -2.08 11.13 -33.11
CA SER B 89 -1.87 12.22 -34.07
C SER B 89 -0.55 11.99 -34.81
N SER B 90 -0.49 12.56 -36.01
CA SER B 90 0.66 12.39 -36.91
C SER B 90 0.98 10.92 -37.13
N LEU B 91 -0.03 10.16 -37.55
CA LEU B 91 0.09 8.71 -37.65
C LEU B 91 1.13 8.32 -38.69
N THR B 92 1.77 7.18 -38.45
CA THR B 92 2.71 6.61 -39.40
C THR B 92 2.55 5.10 -39.38
N SER B 93 3.26 4.42 -40.29
CA SER B 93 3.18 2.97 -40.38
C SER B 93 3.52 2.30 -39.05
N GLU B 94 4.48 2.85 -38.31
CA GLU B 94 4.87 2.25 -37.05
C GLU B 94 3.75 2.26 -36.01
N ASP B 95 2.61 2.86 -36.32
CA ASP B 95 1.46 2.85 -35.44
C ASP B 95 0.48 1.72 -35.73
N THR B 96 0.76 0.82 -36.68
CA THR B 96 -0.16 -0.30 -36.89
C THR B 96 0.03 -1.29 -35.76
N ALA B 97 -1.00 -1.46 -34.92
CA ALA B 97 -0.80 -2.27 -33.73
C ALA B 97 -2.14 -2.47 -33.02
N VAL B 98 -2.08 -3.23 -31.92
CA VAL B 98 -3.27 -3.46 -31.09
C VAL B 98 -3.18 -2.61 -29.84
N TYR B 99 -4.24 -1.86 -29.54
CA TYR B 99 -4.27 -0.96 -28.40
C TYR B 99 -5.26 -1.48 -27.37
N TYR B 100 -4.76 -1.67 -26.15
CA TYR B 100 -5.51 -2.21 -25.02
C TYR B 100 -5.84 -1.09 -24.04
N CYS B 101 -7.08 -1.05 -23.57
CA CYS B 101 -7.51 -0.20 -22.47
C CYS B 101 -7.55 -1.01 -21.18
N THR B 102 -7.00 -0.45 -20.10
CA THR B 102 -6.98 -1.16 -18.82
C THR B 102 -6.99 -0.18 -17.67
N ARG B 103 -6.81 -0.71 -16.46
CA ARG B 103 -6.75 0.06 -15.24
C ARG B 103 -5.87 -0.67 -14.24
N TYR B 104 -5.61 -0.05 -13.09
CA TYR B 104 -5.22 -0.83 -11.92
C TYR B 104 -6.03 -0.41 -10.71
N ASN B 105 -5.98 -1.26 -9.69
CA ASN B 105 -6.85 -1.16 -8.53
C ASN B 105 -6.07 -1.11 -7.23
N ASP B 106 -4.80 -1.49 -7.24
CA ASP B 106 -3.92 -1.42 -6.08
C ASP B 106 -2.85 -0.37 -6.34
N TYR B 107 -2.68 0.57 -5.42
CA TYR B 107 -1.85 1.73 -5.67
C TYR B 107 -0.48 1.62 -5.03
N ASP B 108 0.00 0.40 -4.77
CA ASP B 108 1.42 0.15 -4.55
C ASP B 108 1.97 -0.92 -5.47
N ALA B 109 1.20 -1.97 -5.75
CA ALA B 109 1.61 -2.99 -6.69
C ALA B 109 1.52 -2.52 -8.13
N PHE B 110 0.45 -1.78 -8.47
CA PHE B 110 0.23 -1.23 -9.81
C PHE B 110 0.11 -2.32 -10.86
N TYR B 111 -0.68 -3.34 -10.55
CA TYR B 111 -1.00 -4.39 -11.51
C TYR B 111 -2.25 -4.04 -12.30
N PHE B 112 -2.27 -4.39 -13.58
CA PHE B 112 -3.42 -4.16 -14.44
C PHE B 112 -4.39 -5.32 -14.27
N ASP B 113 -5.44 -5.14 -13.47
CA ASP B 113 -6.30 -6.28 -13.15
C ASP B 113 -7.23 -6.66 -14.30
N TYR B 114 -7.86 -5.70 -14.97
CA TYR B 114 -8.84 -5.98 -16.01
C TYR B 114 -8.43 -5.31 -17.31
N TRP B 115 -8.67 -6.00 -18.42
CA TRP B 115 -8.23 -5.54 -19.73
C TRP B 115 -9.40 -5.55 -20.71
N GLY B 116 -9.33 -4.68 -21.70
CA GLY B 116 -10.24 -4.76 -22.83
C GLY B 116 -9.82 -5.84 -23.81
N GLN B 117 -10.72 -6.14 -24.74
CA GLN B 117 -10.40 -7.17 -25.72
C GLN B 117 -9.30 -6.73 -26.68
N GLY B 118 -9.15 -5.43 -26.91
CA GLY B 118 -8.14 -4.93 -27.82
C GLY B 118 -8.70 -4.36 -29.11
N THR B 119 -8.12 -3.28 -29.60
CA THR B 119 -8.57 -2.64 -30.84
C THR B 119 -7.41 -2.62 -31.82
N THR B 120 -7.62 -3.18 -33.00
CA THR B 120 -6.56 -3.19 -34.02
C THR B 120 -6.65 -1.91 -34.84
N LEU B 121 -5.54 -1.18 -34.94
CA LEU B 121 -5.48 0.02 -35.76
C LEU B 121 -4.48 -0.21 -36.88
N THR B 122 -4.94 -0.01 -38.11
CA THR B 122 -4.15 -0.17 -39.33
C THR B 122 -4.08 1.17 -40.04
N VAL B 123 -2.88 1.55 -40.47
CA VAL B 123 -2.66 2.82 -41.15
C VAL B 123 -2.02 2.54 -42.50
N SER B 124 -2.80 2.69 -43.56
CA SER B 124 -2.31 2.43 -44.91
C SER B 124 -3.09 3.29 -45.90
N SER B 125 -2.40 3.71 -46.95
CA SER B 125 -3.02 4.48 -48.01
C SER B 125 -3.94 3.66 -48.90
N ALA B 126 -3.75 2.35 -48.97
CA ALA B 126 -4.59 1.49 -49.79
C ALA B 126 -4.49 1.90 -51.25
N ASP C 1 13.54 2.79 -19.72
CA ASP C 1 14.76 2.91 -18.88
C ASP C 1 15.19 1.57 -18.30
N ILE C 2 14.27 0.86 -17.65
CA ILE C 2 14.58 -0.48 -17.15
C ILE C 2 14.23 -1.48 -18.24
N GLN C 3 15.20 -2.28 -18.66
CA GLN C 3 15.00 -3.28 -19.69
C GLN C 3 14.83 -4.66 -19.06
N MET C 4 13.70 -5.29 -19.36
CA MET C 4 13.40 -6.63 -18.87
C MET C 4 13.56 -7.64 -19.99
N THR C 5 14.28 -8.72 -19.74
CA THR C 5 14.56 -9.69 -20.78
C THR C 5 14.19 -11.09 -20.32
N GLN C 6 13.41 -11.78 -21.16
CA GLN C 6 13.06 -13.17 -20.96
C GLN C 6 13.96 -14.03 -21.82
N THR C 7 14.58 -15.03 -21.19
CA THR C 7 15.61 -15.81 -21.86
C THR C 7 15.08 -16.54 -23.09
N THR C 8 13.96 -17.25 -22.95
CA THR C 8 13.42 -18.06 -24.03
C THR C 8 12.11 -17.46 -24.50
N SER C 9 12.05 -17.18 -25.81
CA SER C 9 10.82 -16.67 -26.40
C SER C 9 9.82 -17.78 -26.67
N SER C 10 10.25 -19.03 -26.65
CA SER C 10 9.37 -20.17 -26.83
C SER C 10 9.77 -21.29 -25.89
N LEU C 11 8.78 -22.12 -25.54
CA LEU C 11 9.00 -23.22 -24.61
C LEU C 11 8.00 -24.32 -24.93
N SER C 12 8.50 -25.55 -25.03
CA SER C 12 7.67 -26.71 -25.34
C SER C 12 7.56 -27.61 -24.11
N ALA C 13 6.34 -28.06 -23.81
CA ALA C 13 6.07 -28.85 -22.62
C ALA C 13 4.92 -29.80 -22.92
N SER C 14 4.56 -30.61 -21.92
CA SER C 14 3.53 -31.61 -22.07
C SER C 14 2.59 -31.54 -20.87
N LEU C 15 1.37 -32.03 -21.06
CA LEU C 15 0.38 -31.99 -20.01
C LEU C 15 0.93 -32.68 -18.76
N GLY C 16 0.66 -32.08 -17.60
CA GLY C 16 1.13 -32.62 -16.35
C GLY C 16 2.60 -32.41 -16.07
N ASP C 17 3.31 -31.68 -16.91
CA ASP C 17 4.74 -31.45 -16.76
C ASP C 17 4.97 -30.21 -15.91
N ARG C 18 6.14 -30.13 -15.29
CA ARG C 18 6.49 -28.95 -14.52
C ARG C 18 7.14 -27.92 -15.44
N VAL C 19 6.56 -26.72 -15.51
CA VAL C 19 7.05 -25.68 -16.42
C VAL C 19 7.53 -24.50 -15.60
N THR C 20 8.54 -23.81 -16.11
CA THR C 20 9.14 -22.65 -15.46
C THR C 20 9.51 -21.61 -16.50
N ILE C 21 8.92 -20.42 -16.40
CA ILE C 21 9.31 -19.27 -17.19
C ILE C 21 10.14 -18.38 -16.28
N SER C 22 11.14 -17.70 -16.83
CA SER C 22 12.02 -16.85 -16.05
C SER C 22 12.28 -15.55 -16.80
N CYS C 23 12.45 -14.46 -16.06
CA CYS C 23 12.89 -13.21 -16.67
C CYS C 23 13.75 -12.42 -15.71
N ARG C 24 14.62 -11.59 -16.29
CA ARG C 24 15.65 -10.87 -15.57
C ARG C 24 15.53 -9.38 -15.85
N ALA C 25 15.67 -8.58 -14.80
CA ALA C 25 15.62 -7.14 -14.90
C ALA C 25 17.04 -6.59 -14.94
N SER C 26 17.21 -5.48 -15.67
CA SER C 26 18.52 -4.86 -15.80
C SER C 26 19.02 -4.30 -14.47
N GLN C 27 18.11 -4.04 -13.55
CA GLN C 27 18.48 -3.53 -12.24
C GLN C 27 17.48 -3.99 -11.20
N ASP C 28 17.81 -3.73 -9.94
CA ASP C 28 16.93 -4.12 -8.86
C ASP C 28 15.57 -3.49 -9.09
N ILE C 29 14.52 -4.29 -8.90
CA ILE C 29 13.16 -3.83 -9.04
C ILE C 29 12.36 -4.11 -7.77
N ARG C 30 13.04 -4.56 -6.70
CA ARG C 30 12.46 -4.63 -5.36
C ARG C 30 11.16 -5.42 -5.31
N ASN C 31 11.15 -6.55 -6.02
CA ASN C 31 10.07 -7.53 -6.01
C ASN C 31 8.80 -6.99 -6.63
N TYR C 32 8.85 -5.87 -7.34
CA TYR C 32 7.69 -5.30 -8.01
C TYR C 32 7.58 -5.87 -9.42
N LEU C 33 7.20 -7.14 -9.50
CA LEU C 33 7.05 -7.83 -10.78
C LEU C 33 5.67 -8.47 -10.88
N ASN C 34 5.01 -8.24 -12.02
CA ASN C 34 3.70 -8.80 -12.30
C ASN C 34 3.78 -9.72 -13.51
N TRP C 35 2.97 -10.77 -13.51
CA TRP C 35 2.94 -11.75 -14.58
C TRP C 35 1.58 -11.77 -15.24
N TYR C 36 1.56 -11.66 -16.56
CA TYR C 36 0.32 -11.62 -17.33
C TYR C 36 0.32 -12.75 -18.34
N GLN C 37 -0.88 -13.23 -18.67
CA GLN C 37 -1.09 -14.29 -19.63
C GLN C 37 -1.94 -13.77 -20.78
N GLN C 38 -1.50 -14.02 -22.01
CA GLN C 38 -2.25 -13.64 -23.20
C GLN C 38 -2.55 -14.91 -23.97
N LYS C 39 -3.82 -15.13 -24.21
CA LYS C 39 -4.31 -16.27 -24.98
C LYS C 39 -4.09 -16.03 -26.48
N PRO C 40 -4.14 -17.09 -27.28
CA PRO C 40 -4.10 -16.89 -28.74
C PRO C 40 -5.24 -16.04 -29.24
N ASP C 41 -6.37 -16.02 -28.54
CA ASP C 41 -7.45 -15.10 -28.89
C ASP C 41 -7.00 -13.65 -28.78
N GLY C 42 -6.13 -13.33 -27.83
CA GLY C 42 -5.62 -11.99 -27.63
C GLY C 42 -6.00 -11.35 -26.32
N THR C 43 -6.85 -11.99 -25.53
CA THR C 43 -7.27 -11.42 -24.26
C THR C 43 -6.22 -11.66 -23.19
N VAL C 44 -5.87 -10.59 -22.48
CA VAL C 44 -4.83 -10.66 -21.45
C VAL C 44 -5.48 -10.77 -20.08
N LYS C 45 -4.75 -11.37 -19.14
CA LYS C 45 -5.28 -11.65 -17.81
C LYS C 45 -4.14 -11.72 -16.80
N LEU C 46 -4.28 -10.96 -15.72
CA LEU C 46 -3.26 -10.95 -14.66
C LEU C 46 -3.23 -12.27 -13.90
N LEU C 47 -2.02 -12.82 -13.75
CA LEU C 47 -1.81 -14.02 -12.94
C LEU C 47 -1.20 -13.77 -11.57
N ILE C 48 0.00 -13.18 -11.52
CA ILE C 48 0.83 -13.01 -10.32
C ILE C 48 1.28 -11.56 -10.13
N TYR C 49 0.35 -10.61 -10.06
CA TYR C 49 0.70 -9.20 -9.76
C TYR C 49 1.94 -9.16 -8.86
N TYR C 50 1.91 -9.67 -7.65
CA TYR C 50 3.10 -9.52 -6.81
C TYR C 50 3.89 -10.82 -6.87
N THR C 51 5.21 -10.70 -6.86
CA THR C 51 6.04 -11.87 -6.62
C THR C 51 5.42 -12.81 -5.61
N SER C 52 5.26 -14.06 -6.02
CA SER C 52 4.76 -15.19 -5.24
C SER C 52 3.26 -15.16 -4.99
N ARG C 53 2.58 -14.04 -5.22
CA ARG C 53 1.20 -13.95 -4.79
C ARG C 53 0.28 -14.56 -5.85
N LEU C 54 -1.03 -14.36 -5.70
CA LEU C 54 -1.97 -14.86 -6.69
C LEU C 54 -3.16 -13.91 -6.81
N HIS C 55 -3.50 -13.54 -8.03
CA HIS C 55 -4.71 -12.79 -8.30
C HIS C 55 -5.95 -13.68 -8.14
N SER C 56 -7.01 -13.09 -7.60
CA SER C 56 -8.23 -13.85 -7.32
C SER C 56 -8.76 -14.53 -8.57
N GLY C 57 -9.13 -15.80 -8.42
CA GLY C 57 -9.64 -16.57 -9.54
C GLY C 57 -8.60 -17.33 -10.33
N VAL C 58 -7.33 -17.18 -9.99
CA VAL C 58 -6.28 -17.91 -10.71
C VAL C 58 -6.08 -19.29 -10.08
N PRO C 59 -5.99 -20.36 -10.85
CA PRO C 59 -5.76 -21.68 -10.27
C PRO C 59 -4.46 -21.72 -9.47
N SER C 60 -4.47 -22.53 -8.41
CA SER C 60 -3.34 -22.58 -7.49
C SER C 60 -2.10 -23.22 -8.11
N ARG C 61 -2.23 -23.80 -9.31
CA ARG C 61 -1.07 -24.39 -9.96
C ARG C 61 -0.05 -23.35 -10.42
N PHE C 62 -0.43 -22.07 -10.43
CA PHE C 62 0.52 -21.01 -10.76
C PHE C 62 1.23 -20.56 -9.49
N SER C 63 2.53 -20.28 -9.61
CA SER C 63 3.30 -19.79 -8.47
C SER C 63 4.40 -18.87 -9.00
N GLY C 64 4.94 -18.06 -8.10
CA GLY C 64 5.98 -17.14 -8.47
C GLY C 64 7.07 -17.15 -7.42
N SER C 65 8.29 -16.83 -7.87
CA SER C 65 9.44 -16.82 -6.99
C SER C 65 10.49 -15.90 -7.59
N GLY C 66 11.48 -15.58 -6.79
CA GLY C 66 12.61 -14.81 -7.30
C GLY C 66 12.97 -13.69 -6.35
N SER C 67 14.02 -12.98 -6.72
CA SER C 67 14.49 -11.86 -5.92
C SER C 67 15.56 -11.11 -6.69
N GLY C 68 16.05 -10.03 -6.10
CA GLY C 68 17.10 -9.26 -6.74
C GLY C 68 16.68 -8.83 -8.13
N THR C 69 17.32 -9.40 -9.14
CA THR C 69 17.03 -9.08 -10.53
C THR C 69 16.33 -10.21 -11.27
N ASP C 70 16.35 -11.43 -10.74
CA ASP C 70 15.87 -12.60 -11.46
C ASP C 70 14.60 -13.11 -10.81
N TYR C 71 13.56 -13.35 -11.62
CA TYR C 71 12.27 -13.79 -11.12
C TYR C 71 11.76 -14.87 -12.06
N SER C 72 10.86 -15.71 -11.55
CA SER C 72 10.38 -16.85 -12.32
C SER C 72 8.94 -17.18 -11.93
N LEU C 73 8.13 -17.44 -12.96
CA LEU C 73 6.80 -17.99 -12.80
C LEU C 73 6.89 -19.50 -13.03
N THR C 74 6.07 -20.25 -12.31
CA THR C 74 6.10 -21.70 -12.42
C THR C 74 4.66 -22.22 -12.54
N ILE C 75 4.46 -23.12 -13.49
CA ILE C 75 3.19 -23.85 -13.64
C ILE C 75 3.44 -25.29 -13.23
N SER C 76 2.77 -25.73 -12.16
CA SER C 76 3.05 -27.06 -11.61
C SER C 76 2.68 -28.15 -12.60
N ASN C 77 1.47 -28.10 -13.17
CA ASN C 77 1.04 -29.11 -14.13
C ASN C 77 0.32 -28.42 -15.29
N LEU C 78 0.98 -28.42 -16.45
CA LEU C 78 0.44 -27.75 -17.61
C LEU C 78 -0.91 -28.34 -18.02
N GLU C 79 -1.94 -27.49 -17.99
CA GLU C 79 -3.27 -27.87 -18.45
C GLU C 79 -3.43 -27.40 -19.89
N GLN C 80 -4.40 -28.01 -20.59
CA GLN C 80 -4.66 -27.60 -21.96
C GLN C 80 -5.05 -26.14 -22.05
N GLU C 81 -5.64 -25.58 -21.00
CA GLU C 81 -6.03 -24.17 -21.05
C GLU C 81 -4.84 -23.25 -20.81
N ASP C 82 -3.70 -23.80 -20.40
CA ASP C 82 -2.53 -22.98 -20.10
C ASP C 82 -1.61 -22.82 -21.30
N ILE C 83 -2.13 -22.91 -22.52
CA ILE C 83 -1.34 -22.65 -23.72
C ILE C 83 -1.50 -21.19 -24.08
N ALA C 84 -0.44 -20.40 -23.90
CA ALA C 84 -0.53 -18.96 -24.06
C ALA C 84 0.87 -18.37 -24.02
N THR C 85 0.92 -17.04 -24.09
CA THR C 85 2.15 -16.29 -23.90
C THR C 85 2.15 -15.65 -22.52
N TYR C 86 3.31 -15.54 -21.90
CA TYR C 86 3.45 -15.01 -20.55
C TYR C 86 4.43 -13.85 -20.55
N PHE C 87 4.03 -12.74 -19.95
CA PHE C 87 4.81 -11.51 -19.92
C PHE C 87 5.10 -11.14 -18.47
N CYS C 88 6.29 -10.61 -18.22
CA CYS C 88 6.63 -10.08 -16.90
C CYS C 88 6.85 -8.58 -16.98
N GLN C 89 6.15 -7.84 -16.12
CA GLN C 89 6.15 -6.38 -16.10
C GLN C 89 6.75 -5.89 -14.79
N GLN C 90 7.62 -4.89 -14.88
CA GLN C 90 8.22 -4.31 -13.69
C GLN C 90 7.52 -2.99 -13.37
N THR C 91 7.08 -2.85 -12.12
CA THR C 91 6.42 -1.63 -11.67
C THR C 91 7.25 -0.91 -10.61
N ASN C 92 8.57 -0.88 -10.76
CA ASN C 92 9.43 -0.22 -9.78
C ASN C 92 9.76 1.21 -10.18
N THR C 93 10.20 1.42 -11.42
CA THR C 93 10.54 2.75 -11.91
C THR C 93 9.50 3.17 -12.92
N LEU C 94 9.25 4.48 -13.02
CA LEU C 94 7.93 4.91 -13.45
C LEU C 94 7.55 4.47 -14.86
N PRO C 95 8.38 4.60 -15.89
CA PRO C 95 7.86 4.02 -17.14
C PRO C 95 7.88 2.49 -17.15
N TRP C 96 6.71 1.91 -16.94
CA TRP C 96 6.62 0.47 -16.81
C TRP C 96 7.02 -0.19 -18.12
N THR C 97 7.88 -1.21 -18.02
CA THR C 97 8.36 -1.95 -19.17
C THR C 97 7.98 -3.41 -19.04
N PHE C 98 7.49 -3.97 -20.13
CA PHE C 98 7.16 -5.39 -20.20
C PHE C 98 8.30 -6.13 -20.88
N GLY C 99 8.41 -7.41 -20.57
CA GLY C 99 9.38 -8.23 -21.25
C GLY C 99 8.75 -8.94 -22.43
N GLY C 100 9.55 -9.17 -23.46
CA GLY C 100 9.03 -9.90 -24.59
C GLY C 100 8.45 -11.23 -24.13
N GLY C 101 7.23 -11.52 -24.55
CA GLY C 101 6.53 -12.65 -24.00
C GLY C 101 7.20 -13.97 -24.32
N THR C 102 6.93 -14.96 -23.48
CA THR C 102 7.37 -16.32 -23.77
C THR C 102 6.15 -17.19 -24.01
N LYS C 103 6.10 -17.81 -25.19
CA LYS C 103 4.98 -18.68 -25.56
C LYS C 103 5.24 -20.09 -25.04
N VAL C 104 4.19 -20.77 -24.61
CA VAL C 104 4.26 -22.15 -24.17
C VAL C 104 3.37 -23.00 -25.05
N GLU C 105 3.91 -24.09 -25.57
CA GLU C 105 3.20 -24.92 -26.53
C GLU C 105 3.46 -26.39 -26.21
N ILE C 106 2.62 -27.25 -26.76
CA ILE C 106 2.74 -28.69 -26.54
C ILE C 106 3.80 -29.27 -27.47
N LYS C 107 4.34 -30.42 -27.09
CA LYS C 107 5.41 -31.05 -27.85
C LYS C 107 4.84 -31.70 -29.11
N ARG C 108 5.26 -31.19 -30.27
CA ARG C 108 4.86 -31.74 -31.55
C ARG C 108 5.89 -32.76 -32.03
N THR C 109 5.38 -33.83 -32.65
CA THR C 109 6.20 -34.86 -33.27
C THR C 109 7.43 -35.21 -32.44
C1 NAG D . -1.60 29.19 21.50
C2 NAG D . -0.66 30.33 21.78
C3 NAG D . -1.45 31.60 22.05
C4 NAG D . -2.44 31.86 20.92
C5 NAG D . -3.23 30.60 20.55
C6 NAG D . -4.02 30.74 19.28
C7 NAG D . 1.54 30.15 22.85
C8 NAG D . 2.29 29.80 24.11
N2 NAG D . 0.22 30.02 22.91
O3 NAG D . -0.54 32.69 22.18
O4 NAG D . -3.35 32.88 21.32
O5 NAG D . -2.35 29.48 20.37
O6 NAG D . -3.53 29.86 18.27
O7 NAG D . 2.12 30.53 21.85
C1 NAG D . -3.22 34.10 20.56
C2 NAG D . -1.93 34.83 20.94
C3 NAG D . -1.77 36.09 20.08
C4 NAG D . -1.86 35.73 18.61
C5 NAG D . -3.14 34.96 18.32
C6 NAG D . -3.25 34.48 16.89
C7 NAG D . -2.49 34.50 23.33
C8 NAG D . -2.30 35.03 24.72
N2 NAG D . -1.88 35.18 22.36
O3 NAG D . -0.51 36.70 20.37
O4 NAG D . -1.83 36.92 17.82
O5 NAG D . -3.21 33.80 19.16
O6 NAG D . -1.99 34.03 16.41
O7 NAG D . -3.19 33.51 23.10
#